data_5B4D
#
_entry.id   5B4D
#
_cell.length_a   67.564
_cell.length_b   87.888
_cell.length_c   98.358
_cell.angle_alpha   90.00
_cell.angle_beta   90.00
_cell.angle_gamma   90.00
#
_symmetry.space_group_name_H-M   'P 21 21 21'
#
loop_
_entity.id
_entity.type
_entity.pdbx_description
1 polymer 'UDP-2,3-diacylglucosamine hydrolase'
2 non-polymer GLYCEROL
3 water water
#
_entity_poly.entity_id   1
_entity_poly.type   'polypeptide(L)'
_entity_poly.pdbx_seq_one_letter_code
;MSVLFISDLNLEAERPDITRAFLSFLDERARRAEALYILGDFFEAWIGDDGMDAFQRSIAQSLRQVADGGTRIYLMHGNR
DFLIGKAFCREAGCTLLPDPSVIDLYGEPVLLMHGDSLCTRDEAYMRLRRWLRNPLTLWVLRHLPLATRHKLARKLRKES
RAQTRMKAVDIIDVTPEEVPRVMRGHGVRTLIHGHTHRPAEHPLDIDGQPARRIVLGDWDRQGWALEIDANGHRQAPFPL
LEHHHHHH
;
_entity_poly.pdbx_strand_id   A,B
#
# COMPACT_ATOMS: atom_id res chain seq x y z
N SER A 2 -13.98 -18.77 4.99
CA SER A 2 -13.19 -17.54 4.93
C SER A 2 -13.46 -16.65 6.14
N VAL A 3 -12.61 -15.65 6.31
CA VAL A 3 -12.69 -14.75 7.44
C VAL A 3 -12.68 -13.33 6.89
N LEU A 4 -13.53 -12.45 7.47
CA LEU A 4 -13.67 -11.06 7.02
C LEU A 4 -13.13 -10.11 8.07
N PHE A 5 -12.41 -9.08 7.63
CA PHE A 5 -11.98 -8.00 8.50
C PHE A 5 -12.47 -6.63 7.98
N ILE A 6 -13.09 -5.84 8.88
CA ILE A 6 -13.53 -4.51 8.55
C ILE A 6 -13.25 -3.57 9.73
N SER A 7 -13.24 -2.26 9.47
CA SER A 7 -13.06 -1.29 10.54
C SER A 7 -13.46 0.09 10.07
N ASP A 8 -13.56 1.05 10.98
CA ASP A 8 -13.69 2.44 10.55
C ASP A 8 -14.99 2.61 9.75
N LEU A 9 -16.05 1.93 10.21
CA LEU A 9 -17.41 2.17 9.60
C LEU A 9 -18.01 3.49 10.08
N ASN A 10 -17.76 3.85 11.34
CA ASN A 10 -18.33 5.07 11.95
C ASN A 10 -19.87 5.12 11.80
N LEU A 11 -20.51 4.04 12.18
CA LEU A 11 -21.95 3.91 12.00
C LEU A 11 -22.66 5.00 12.81
N GLU A 12 -23.74 5.52 12.24
CA GLU A 12 -24.58 6.50 12.95
C GLU A 12 -25.88 6.62 12.16
N ALA A 13 -26.97 6.89 12.87
CA ALA A 13 -28.28 6.98 12.21
C ALA A 13 -28.32 7.94 11.01
N GLU A 14 -27.65 9.08 11.13
CA GLU A 14 -27.62 10.08 10.05
C GLU A 14 -26.76 9.71 8.83
N ARG A 15 -26.16 8.51 8.81
CA ARG A 15 -25.55 7.99 7.57
C ARG A 15 -26.25 6.68 7.19
N PRO A 16 -27.47 6.75 6.65
CA PRO A 16 -28.20 5.50 6.37
C PRO A 16 -27.65 4.77 5.16
N ASP A 17 -26.82 5.44 4.37
CA ASP A 17 -26.13 4.74 3.28
C ASP A 17 -25.11 3.77 3.85
N ILE A 18 -24.36 4.20 4.87
CA ILE A 18 -23.37 3.29 5.50
C ILE A 18 -24.17 2.17 6.21
N THR A 19 -25.31 2.52 6.82
CA THR A 19 -26.07 1.51 7.56
C THR A 19 -26.56 0.47 6.59
N ARG A 20 -27.15 0.90 5.45
CA ARG A 20 -27.68 -0.06 4.49
C ARG A 20 -26.55 -0.95 3.95
N ALA A 21 -25.42 -0.33 3.61
CA ALA A 21 -24.25 -1.10 3.11
C ALA A 21 -23.75 -2.16 4.12
N PHE A 22 -23.69 -1.79 5.40
CA PHE A 22 -23.21 -2.70 6.41
C PHE A 22 -24.22 -3.86 6.62
N LEU A 23 -25.50 -3.53 6.70
CA LEU A 23 -26.51 -4.59 6.91
C LEU A 23 -26.58 -5.55 5.75
N SER A 24 -26.45 -5.06 4.51
CA SER A 24 -26.44 -5.97 3.37
C SER A 24 -25.15 -6.79 3.37
N PHE A 25 -24.05 -6.15 3.72
CA PHE A 25 -22.79 -6.87 3.89
C PHE A 25 -22.95 -8.03 4.90
N LEU A 26 -23.60 -7.76 6.03
CA LEU A 26 -23.89 -8.86 6.96
C LEU A 26 -24.68 -9.96 6.27
N ASP A 27 -25.78 -9.60 5.60
CA ASP A 27 -26.63 -10.59 4.94
C ASP A 27 -25.92 -11.37 3.85
N GLU A 28 -25.16 -10.70 3.00
CA GLU A 28 -24.64 -11.33 1.78
C GLU A 28 -23.28 -11.97 1.98
N ARG A 29 -22.50 -11.43 2.90
CA ARG A 29 -21.15 -11.92 3.07
C ARG A 29 -20.81 -12.50 4.45
N ALA A 30 -21.14 -11.78 5.52
CA ALA A 30 -20.76 -12.27 6.87
C ALA A 30 -21.49 -13.54 7.28
N ARG A 31 -22.75 -13.70 6.86
CA ARG A 31 -23.50 -14.91 7.18
C ARG A 31 -22.80 -16.17 6.72
N ARG A 32 -22.11 -16.11 5.57
CA ARG A 32 -21.52 -17.32 5.01
C ARG A 32 -20.04 -17.45 5.48
N ALA A 33 -19.54 -16.45 6.19
CA ALA A 33 -18.15 -16.51 6.62
C ALA A 33 -17.99 -17.34 7.91
N GLU A 34 -16.80 -17.89 8.14
CA GLU A 34 -16.52 -18.55 9.41
C GLU A 34 -16.46 -17.51 10.53
N ALA A 35 -15.92 -16.34 10.21
CA ALA A 35 -15.68 -15.33 11.24
C ALA A 35 -15.62 -13.95 10.68
N LEU A 36 -15.99 -12.97 11.53
CA LEU A 36 -15.95 -11.56 11.18
C LEU A 36 -15.26 -10.79 12.31
N TYR A 37 -14.19 -10.06 11.95
CA TYR A 37 -13.46 -9.24 12.90
C TYR A 37 -13.70 -7.76 12.54
N ILE A 38 -13.99 -6.94 13.55
CA ILE A 38 -14.24 -5.53 13.38
C ILE A 38 -13.25 -4.78 14.19
N LEU A 39 -12.33 -4.08 13.52
CA LEU A 39 -11.14 -3.59 14.26
C LEU A 39 -11.23 -2.12 14.61
N GLY A 40 -12.31 -1.76 15.30
CA GLY A 40 -12.37 -0.43 15.90
C GLY A 40 -13.09 0.61 15.06
N ASP A 41 -13.62 1.64 15.73
CA ASP A 41 -14.39 2.68 15.02
C ASP A 41 -15.52 2.05 14.24
N PHE A 42 -16.18 1.11 14.90
CA PHE A 42 -17.40 0.51 14.34
C PHE A 42 -18.54 1.56 14.41
N PHE A 43 -18.65 2.22 15.56
CA PHE A 43 -19.62 3.32 15.70
C PHE A 43 -18.89 4.65 15.73
N GLU A 44 -19.55 5.70 15.26
CA GLU A 44 -18.97 7.03 15.20
C GLU A 44 -18.75 7.60 16.60
N ALA A 45 -19.53 7.14 17.58
CA ALA A 45 -19.39 7.57 18.99
C ALA A 45 -19.96 6.50 19.89
N TRP A 46 -19.53 6.44 21.15
CA TRP A 46 -20.18 5.51 22.09
C TRP A 46 -20.05 6.07 23.47
N ILE A 47 -21.18 6.39 24.12
CA ILE A 47 -21.12 7.06 25.39
C ILE A 47 -21.00 6.01 26.49
N GLY A 48 -21.26 4.74 26.16
CA GLY A 48 -21.35 3.69 27.17
C GLY A 48 -22.57 2.79 26.90
N ASP A 49 -22.49 1.53 27.32
CA ASP A 49 -23.57 0.59 26.99
C ASP A 49 -24.87 0.99 27.65
N ASP A 50 -24.78 1.67 28.79
CA ASP A 50 -25.99 2.09 29.53
C ASP A 50 -26.76 3.17 28.81
N GLY A 51 -26.13 3.79 27.81
CA GLY A 51 -26.74 4.87 27.08
C GLY A 51 -27.08 4.51 25.65
N MET A 52 -27.20 3.22 25.34
CA MET A 52 -27.51 2.81 23.96
C MET A 52 -28.86 3.36 23.52
N ASP A 53 -28.91 3.83 22.28
CA ASP A 53 -30.18 4.28 21.70
C ASP A 53 -30.75 3.23 20.75
N ALA A 54 -31.87 3.56 20.09
CA ALA A 54 -32.53 2.54 19.27
C ALA A 54 -31.62 2.15 18.10
N PHE A 55 -30.94 3.13 17.52
CA PHE A 55 -30.01 2.85 16.42
C PHE A 55 -28.95 1.83 16.83
N GLN A 56 -28.31 2.10 17.95
CA GLN A 56 -27.23 1.18 18.40
C GLN A 56 -27.77 -0.22 18.77
N ARG A 57 -28.96 -0.28 19.34
CA ARG A 57 -29.54 -1.58 19.62
C ARG A 57 -29.90 -2.32 18.35
N SER A 58 -30.30 -1.62 17.28
CA SER A 58 -30.64 -2.30 16.01
C SER A 58 -29.39 -2.97 15.43
N ILE A 59 -28.23 -2.34 15.61
CA ILE A 59 -26.99 -2.93 15.09
C ILE A 59 -26.61 -4.19 15.92
N ALA A 60 -26.77 -4.13 17.25
CA ALA A 60 -26.58 -5.34 18.06
C ALA A 60 -27.50 -6.46 17.57
N GLN A 61 -28.78 -6.14 17.30
CA GLN A 61 -29.71 -7.18 16.84
C GLN A 61 -29.23 -7.80 15.53
N SER A 62 -28.70 -6.97 14.63
CA SER A 62 -28.32 -7.46 13.32
C SER A 62 -27.04 -8.31 13.43
N LEU A 63 -26.12 -7.87 14.27
CA LEU A 63 -24.92 -8.72 14.55
C LEU A 63 -25.38 -10.07 15.10
N ARG A 64 -26.35 -10.02 16.02
CA ARG A 64 -26.73 -11.22 16.76
C ARG A 64 -27.40 -12.23 15.82
N GLN A 65 -28.08 -11.76 14.78
CA GLN A 65 -28.68 -12.72 13.84
C GLN A 65 -27.57 -13.50 13.14
N VAL A 66 -26.50 -12.79 12.78
CA VAL A 66 -25.34 -13.40 12.14
C VAL A 66 -24.61 -14.35 13.10
N ALA A 67 -24.40 -13.93 14.33
CA ALA A 67 -23.74 -14.79 15.32
C ALA A 67 -24.58 -16.07 15.60
N ASP A 68 -25.89 -15.91 15.72
CA ASP A 68 -26.78 -17.07 15.96
C ASP A 68 -26.74 -18.08 14.83
N GLY A 69 -26.38 -17.62 13.62
CA GLY A 69 -26.31 -18.51 12.47
C GLY A 69 -24.98 -19.28 12.38
N GLY A 70 -24.06 -19.01 13.30
CA GLY A 70 -22.82 -19.78 13.38
C GLY A 70 -21.53 -19.01 13.08
N THR A 71 -21.65 -17.81 12.54
CA THR A 71 -20.44 -16.99 12.27
C THR A 71 -19.89 -16.42 13.59
N ARG A 72 -18.60 -16.55 13.83
CA ARG A 72 -18.02 -16.00 15.06
C ARG A 72 -17.72 -14.54 14.81
N ILE A 73 -18.13 -13.67 15.73
CA ILE A 73 -17.90 -12.25 15.49
C ILE A 73 -17.04 -11.71 16.61
N TYR A 74 -16.02 -10.90 16.26
CA TYR A 74 -15.11 -10.32 17.24
C TYR A 74 -15.03 -8.82 17.08
N LEU A 75 -15.08 -8.12 18.17
CA LEU A 75 -15.10 -6.66 18.06
C LEU A 75 -13.97 -6.06 18.91
N MET A 76 -13.22 -5.11 18.33
CA MET A 76 -12.13 -4.46 19.03
C MET A 76 -12.39 -2.94 19.10
N HIS A 77 -12.01 -2.31 20.20
CA HIS A 77 -12.21 -0.84 20.34
C HIS A 77 -11.41 -0.04 19.33
N GLY A 78 -11.96 1.11 18.92
CA GLY A 78 -11.19 2.14 18.24
C GLY A 78 -11.15 3.42 19.05
N ASN A 79 -10.63 4.49 18.47
CA ASN A 79 -10.53 5.73 19.22
C ASN A 79 -11.90 6.34 19.48
N ARG A 80 -12.88 5.99 18.67
CA ARG A 80 -14.21 6.63 18.78
C ARG A 80 -15.11 5.83 19.70
N ASP A 81 -14.94 4.52 19.76
CA ASP A 81 -15.95 3.67 20.44
C ASP A 81 -15.32 2.79 21.51
N PHE A 82 -14.29 3.30 22.16
CA PHE A 82 -13.53 2.48 23.11
C PHE A 82 -14.36 2.18 24.37
N LEU A 83 -15.51 2.85 24.56
CA LEU A 83 -16.34 2.55 25.75
C LEU A 83 -17.32 1.42 25.48
N ILE A 84 -17.28 0.83 24.28
CA ILE A 84 -18.14 -0.36 24.06
C ILE A 84 -17.84 -1.47 25.09
N GLY A 85 -18.89 -2.05 25.70
CA GLY A 85 -18.65 -3.00 26.78
C GLY A 85 -19.18 -4.42 26.61
N LYS A 86 -19.05 -5.21 27.67
CA LYS A 86 -19.48 -6.60 27.66
C LYS A 86 -20.98 -6.71 27.48
N ALA A 87 -21.76 -5.73 27.97
CA ALA A 87 -23.20 -5.79 27.82
C ALA A 87 -23.61 -5.68 26.35
N PHE A 88 -23.04 -4.72 25.66
CA PHE A 88 -23.30 -4.65 24.22
C PHE A 88 -22.88 -5.95 23.53
N CYS A 89 -21.68 -6.44 23.84
CA CYS A 89 -21.24 -7.67 23.19
C CYS A 89 -22.15 -8.88 23.49
N ARG A 90 -22.69 -8.97 24.69
CA ARG A 90 -23.62 -10.07 24.96
C ARG A 90 -24.90 -9.94 24.10
N GLU A 91 -25.40 -8.70 23.95
CA GLU A 91 -26.60 -8.48 23.11
C GLU A 91 -26.29 -8.88 21.67
N ALA A 92 -25.11 -8.52 21.22
CA ALA A 92 -24.75 -8.68 19.81
C ALA A 92 -24.26 -10.09 19.50
N GLY A 93 -24.00 -10.87 20.56
CA GLY A 93 -23.45 -12.20 20.43
C GLY A 93 -22.01 -12.19 19.92
N CYS A 94 -21.25 -11.13 20.19
CA CYS A 94 -19.85 -11.09 19.73
C CYS A 94 -18.87 -11.16 20.91
N THR A 95 -17.60 -11.37 20.59
CA THR A 95 -16.54 -11.45 21.59
C THR A 95 -15.74 -10.13 21.54
N LEU A 96 -15.56 -9.51 22.70
CA LEU A 96 -14.79 -8.27 22.77
C LEU A 96 -13.30 -8.64 22.85
N LEU A 97 -12.54 -8.25 21.83
CA LEU A 97 -11.09 -8.48 21.83
C LEU A 97 -10.30 -7.26 22.29
N PRO A 98 -9.32 -7.45 23.16
CA PRO A 98 -8.50 -6.31 23.56
C PRO A 98 -7.59 -5.88 22.41
N ASP A 99 -7.15 -4.63 22.46
CA ASP A 99 -6.15 -4.14 21.50
C ASP A 99 -4.85 -4.02 22.27
N PRO A 100 -3.85 -4.86 21.94
CA PRO A 100 -3.74 -5.77 20.80
C PRO A 100 -4.19 -7.16 21.09
N SER A 101 -4.49 -7.92 20.04
CA SER A 101 -4.82 -9.33 20.18
C SER A 101 -4.07 -10.11 19.09
N VAL A 102 -3.55 -11.29 19.45
CA VAL A 102 -3.01 -12.20 18.44
C VAL A 102 -3.98 -13.36 18.26
N ILE A 103 -4.36 -13.64 17.01
CA ILE A 103 -5.26 -14.74 16.70
C ILE A 103 -4.55 -15.80 15.86
N ASP A 104 -5.17 -16.97 15.73
CA ASP A 104 -4.67 -17.97 14.81
C ASP A 104 -5.49 -17.87 13.55
N LEU A 105 -4.81 -17.64 12.44
CA LEU A 105 -5.52 -17.47 11.18
C LEU A 105 -4.94 -18.46 10.17
N TYR A 106 -5.70 -19.52 9.92
CA TYR A 106 -5.29 -20.65 9.09
C TYR A 106 -3.88 -21.11 9.46
N GLY A 107 -3.62 -21.25 10.75
CA GLY A 107 -2.39 -21.86 11.26
C GLY A 107 -1.22 -20.88 11.46
N GLU A 108 -1.46 -19.60 11.20
CA GLU A 108 -0.45 -18.55 11.37
C GLU A 108 -0.91 -17.57 12.47
N PRO A 109 0.02 -17.19 13.36
CA PRO A 109 -0.26 -16.13 14.36
C PRO A 109 -0.33 -14.74 13.71
N VAL A 110 -1.42 -14.00 13.93
CA VAL A 110 -1.64 -12.71 13.24
C VAL A 110 -1.99 -11.66 14.30
N LEU A 111 -1.35 -10.50 14.26
CA LEU A 111 -1.56 -9.46 15.28
C LEU A 111 -2.67 -8.56 14.77
N LEU A 112 -3.64 -8.22 15.62
CA LEU A 112 -4.71 -7.31 15.22
C LEU A 112 -4.69 -6.10 16.16
N MET A 113 -4.87 -4.90 15.61
CA MET A 113 -4.91 -3.68 16.42
C MET A 113 -5.83 -2.72 15.75
N HIS A 114 -6.36 -1.74 16.48
CA HIS A 114 -7.13 -0.73 15.76
C HIS A 114 -6.15 0.07 14.83
N GLY A 115 -4.97 0.38 15.36
CA GLY A 115 -3.94 1.09 14.61
C GLY A 115 -3.52 2.44 15.20
N ASP A 116 -4.39 3.07 15.99
CA ASP A 116 -4.02 4.40 16.54
C ASP A 116 -2.82 4.31 17.50
N SER A 117 -2.64 3.16 18.14
CA SER A 117 -1.51 3.08 19.09
C SER A 117 -0.13 3.13 18.38
N LEU A 118 -0.12 2.88 17.07
CA LEU A 118 1.11 2.97 16.27
C LEU A 118 1.43 4.41 15.86
N CYS A 119 0.45 5.33 15.96
CA CYS A 119 0.59 6.65 15.40
C CYS A 119 1.22 7.59 16.43
N THR A 120 2.44 7.25 16.83
CA THR A 120 3.02 7.83 18.05
C THR A 120 3.59 9.24 17.84
N ARG A 121 3.62 9.72 16.59
CA ARG A 121 4.08 11.08 16.34
C ARG A 121 3.03 12.12 16.76
N ASP A 122 1.78 11.69 16.94
CA ASP A 122 0.76 12.61 17.41
C ASP A 122 0.85 12.61 18.93
N GLU A 123 1.71 13.46 19.48
CA GLU A 123 2.04 13.35 20.88
C GLU A 123 0.87 13.72 21.78
N ALA A 124 0.11 14.74 21.37
CA ALA A 124 -1.04 15.18 22.14
C ALA A 124 -2.03 14.03 22.25
N TYR A 125 -2.25 13.36 21.13
CA TYR A 125 -3.24 12.28 21.13
C TYR A 125 -2.72 11.07 21.94
N MET A 126 -1.42 10.78 21.86
CA MET A 126 -0.89 9.70 22.71
C MET A 126 -1.17 9.95 24.23
N ARG A 127 -1.01 11.18 24.68
CA ARG A 127 -1.29 11.53 26.08
C ARG A 127 -2.80 11.40 26.42
N LEU A 128 -3.66 11.84 25.51
CA LEU A 128 -5.10 11.71 25.73
C LEU A 128 -5.52 10.25 25.72
N ARG A 129 -5.03 9.50 24.76
CA ARG A 129 -5.36 8.07 24.71
C ARG A 129 -4.98 7.36 26.03
N ARG A 130 -3.78 7.68 26.52
CA ARG A 130 -3.29 7.13 27.78
C ARG A 130 -4.28 7.41 28.94
N TRP A 131 -4.77 8.65 29.00
CA TRP A 131 -5.75 9.00 30.04
C TRP A 131 -7.06 8.23 29.86
N LEU A 132 -7.56 8.15 28.63
CA LEU A 132 -8.88 7.54 28.38
C LEU A 132 -8.88 6.05 28.70
N ARG A 133 -7.74 5.39 28.51
CA ARG A 133 -7.64 3.94 28.68
C ARG A 133 -7.26 3.57 30.11
N ASN A 134 -7.00 4.57 30.94
CA ASN A 134 -6.57 4.30 32.32
C ASN A 134 -7.75 3.74 33.11
N PRO A 135 -7.56 2.60 33.79
CA PRO A 135 -8.70 1.99 34.51
C PRO A 135 -9.36 2.96 35.47
N LEU A 136 -8.58 3.89 36.01
CA LEU A 136 -9.13 4.87 36.95
C LEU A 136 -10.03 5.86 36.21
N THR A 137 -9.69 6.18 34.97
CA THR A 137 -10.53 7.07 34.19
C THR A 137 -11.82 6.35 33.90
N LEU A 138 -11.69 5.08 33.51
CA LEU A 138 -12.87 4.30 33.16
C LEU A 138 -13.79 4.18 34.36
N TRP A 139 -13.23 4.02 35.56
CA TRP A 139 -14.02 3.95 36.76
C TRP A 139 -14.75 5.27 36.99
N VAL A 140 -14.05 6.40 36.84
CA VAL A 140 -14.73 7.64 37.10
C VAL A 140 -15.81 7.88 36.03
N LEU A 141 -15.51 7.54 34.78
CA LEU A 141 -16.50 7.73 33.71
C LEU A 141 -17.77 6.93 34.02
N ARG A 142 -17.58 5.70 34.51
CA ARG A 142 -18.69 4.84 34.92
C ARG A 142 -19.62 5.57 35.86
N HIS A 143 -19.03 6.31 36.80
CA HIS A 143 -19.77 6.93 37.87
C HIS A 143 -20.30 8.34 37.54
N LEU A 144 -20.09 8.82 36.31
CA LEU A 144 -20.65 10.10 35.90
C LEU A 144 -22.06 9.87 35.32
N PRO A 145 -22.99 10.81 35.56
CA PRO A 145 -24.29 10.69 34.91
C PRO A 145 -24.18 10.82 33.39
N LEU A 146 -25.10 10.24 32.62
CA LEU A 146 -25.03 10.35 31.17
C LEU A 146 -24.82 11.79 30.69
N ALA A 147 -25.63 12.72 31.18
CA ALA A 147 -25.54 14.12 30.75
C ALA A 147 -24.12 14.66 30.87
N THR A 148 -23.47 14.34 31.99
CA THR A 148 -22.10 14.79 32.22
C THR A 148 -21.11 14.09 31.27
N ARG A 149 -21.36 12.83 30.95
CA ARG A 149 -20.51 12.16 29.97
C ARG A 149 -20.68 12.80 28.58
N HIS A 150 -21.91 13.20 28.23
CA HIS A 150 -22.13 13.89 26.97
C HIS A 150 -21.40 15.24 27.00
N LYS A 151 -21.50 15.92 28.13
CA LYS A 151 -20.77 17.17 28.30
C LYS A 151 -19.28 16.94 28.07
N LEU A 152 -18.73 15.86 28.62
CA LEU A 152 -17.29 15.60 28.42
C LEU A 152 -16.99 15.26 26.96
N ALA A 153 -17.86 14.49 26.31
CA ALA A 153 -17.66 14.12 24.91
C ALA A 153 -17.60 15.38 24.06
N ARG A 154 -18.53 16.31 24.32
CA ARG A 154 -18.56 17.56 23.59
C ARG A 154 -17.27 18.34 23.80
N LYS A 155 -16.81 18.39 25.05
CA LYS A 155 -15.60 19.12 25.37
C LYS A 155 -14.39 18.53 24.64
N LEU A 156 -14.31 17.21 24.61
CA LEU A 156 -13.17 16.54 23.99
C LEU A 156 -13.25 16.72 22.49
N ARG A 157 -14.45 16.67 21.95
CA ARG A 157 -14.68 16.88 20.53
C ARG A 157 -14.18 18.26 20.12
N LYS A 158 -14.38 19.25 20.98
CA LYS A 158 -13.90 20.59 20.74
C LYS A 158 -12.40 20.62 21.07
N LYS A 167 -10.01 14.67 6.83
CA LYS A 167 -9.56 13.82 5.73
C LYS A 167 -8.40 12.91 6.13
N ALA A 168 -8.25 11.80 5.39
CA ALA A 168 -7.16 10.84 5.62
C ALA A 168 -5.81 11.54 5.77
N VAL A 169 -5.51 12.48 4.86
CA VAL A 169 -4.24 13.20 4.90
C VAL A 169 -3.97 13.86 6.26
N ASP A 170 -5.04 14.34 6.91
CA ASP A 170 -4.95 14.95 8.24
C ASP A 170 -4.96 13.97 9.42
N ILE A 171 -5.13 12.67 9.16
CA ILE A 171 -4.97 11.65 10.20
C ILE A 171 -3.49 11.27 10.24
N ILE A 172 -2.86 11.36 11.41
CA ILE A 172 -1.44 11.06 11.50
C ILE A 172 -1.23 9.57 11.26
N ASP A 173 -0.30 9.22 10.37
CA ASP A 173 -0.10 7.81 9.98
C ASP A 173 0.85 7.12 10.95
N VAL A 174 1.03 5.80 10.81
CA VAL A 174 1.82 5.04 11.79
C VAL A 174 3.28 5.49 11.79
N THR A 175 3.92 5.36 12.94
CA THR A 175 5.37 5.57 13.01
C THR A 175 6.01 4.33 12.41
N PRO A 176 6.79 4.47 11.35
CA PRO A 176 7.33 3.30 10.66
C PRO A 176 8.04 2.29 11.56
N GLU A 177 8.94 2.74 12.42
CA GLU A 177 9.69 1.86 13.28
C GLU A 177 8.87 1.11 14.31
N GLU A 178 7.69 1.60 14.64
CA GLU A 178 6.83 0.95 15.64
C GLU A 178 6.30 -0.36 15.09
N VAL A 179 6.20 -0.46 13.77
CA VAL A 179 5.58 -1.63 13.15
C VAL A 179 6.41 -2.91 13.37
N PRO A 180 7.66 -2.93 12.93
CA PRO A 180 8.47 -4.13 13.26
C PRO A 180 8.64 -4.32 14.76
N ARG A 181 8.72 -3.25 15.53
CA ARG A 181 8.90 -3.43 16.98
C ARG A 181 7.75 -4.23 17.58
N VAL A 182 6.50 -3.89 17.27
CA VAL A 182 5.36 -4.58 17.88
C VAL A 182 5.15 -5.94 17.25
N MET A 183 5.44 -6.09 15.96
CA MET A 183 5.26 -7.41 15.36
C MET A 183 6.29 -8.41 15.91
N ARG A 184 7.52 -7.92 16.08
CA ARG A 184 8.54 -8.78 16.63
C ARG A 184 8.16 -9.22 18.05
N GLY A 185 7.68 -8.26 18.86
CA GLY A 185 7.38 -8.56 20.26
C GLY A 185 6.23 -9.56 20.43
N HIS A 186 5.31 -9.57 19.45
CA HIS A 186 4.21 -10.53 19.47
C HIS A 186 4.48 -11.81 18.70
N GLY A 187 5.66 -11.95 18.09
CA GLY A 187 6.00 -13.18 17.39
C GLY A 187 5.16 -13.44 16.13
N VAL A 188 4.82 -12.38 15.41
CA VAL A 188 4.02 -12.49 14.21
C VAL A 188 4.71 -11.92 12.96
N ARG A 189 4.27 -12.41 11.81
CA ARG A 189 4.75 -11.89 10.51
C ARG A 189 3.58 -11.27 9.72
N THR A 190 2.41 -11.18 10.35
CA THR A 190 1.27 -10.43 9.72
C THR A 190 0.61 -9.55 10.77
N LEU A 191 0.38 -8.28 10.40
CA LEU A 191 -0.37 -7.33 11.24
C LEU A 191 -1.53 -6.79 10.40
N ILE A 192 -2.74 -6.72 10.99
CA ILE A 192 -3.90 -6.13 10.28
C ILE A 192 -4.42 -5.02 11.18
N HIS A 193 -4.58 -3.81 10.64
CA HIS A 193 -5.12 -2.74 11.49
C HIS A 193 -5.91 -1.80 10.62
N GLY A 194 -6.58 -0.86 11.29
CA GLY A 194 -7.36 0.17 10.59
C GLY A 194 -6.84 1.53 11.03
N HIS A 195 -7.78 2.44 11.32
CA HIS A 195 -7.55 3.75 11.86
C HIS A 195 -7.01 4.78 10.88
N THR A 196 -5.98 4.44 10.09
CA THR A 196 -5.32 5.48 9.26
C THR A 196 -6.02 5.83 7.93
N HIS A 197 -7.08 5.09 7.57
CA HIS A 197 -7.85 5.40 6.36
C HIS A 197 -6.97 5.33 5.11
N ARG A 198 -5.95 4.48 5.17
CA ARG A 198 -5.06 4.30 4.00
C ARG A 198 -4.92 2.84 3.62
N PRO A 199 -5.97 2.26 3.04
CA PRO A 199 -5.98 0.81 2.84
C PRO A 199 -4.85 0.39 1.90
N ALA A 200 -4.18 -0.72 2.21
CA ALA A 200 -2.97 -1.10 1.48
C ALA A 200 -2.45 -2.40 2.05
N GLU A 201 -1.52 -3.01 1.34
CA GLU A 201 -0.70 -4.04 1.97
C GLU A 201 0.78 -3.60 1.81
N HIS A 202 1.52 -3.63 2.92
CA HIS A 202 2.91 -3.17 2.93
C HIS A 202 3.80 -4.35 3.32
N PRO A 203 4.75 -4.72 2.49
CA PRO A 203 5.71 -5.72 2.95
C PRO A 203 6.77 -5.12 3.87
N LEU A 204 7.39 -5.92 4.74
CA LEU A 204 8.58 -5.50 5.47
C LEU A 204 9.34 -6.76 5.85
N ASP A 205 10.49 -6.59 6.51
CA ASP A 205 11.38 -7.72 6.80
C ASP A 205 11.59 -7.63 8.31
N ILE A 206 11.41 -8.76 9.00
CA ILE A 206 11.73 -8.82 10.44
C ILE A 206 12.76 -9.91 10.62
N ASP A 207 13.96 -9.52 11.05
CA ASP A 207 15.03 -10.45 11.34
C ASP A 207 15.28 -11.43 10.21
N GLY A 208 15.27 -10.89 8.99
CA GLY A 208 15.47 -11.66 7.77
C GLY A 208 14.30 -12.45 7.22
N GLN A 209 13.09 -12.32 7.80
CA GLN A 209 11.94 -13.08 7.32
C GLN A 209 10.93 -12.08 6.74
N PRO A 210 10.29 -12.40 5.62
CA PRO A 210 9.26 -11.47 5.10
C PRO A 210 8.05 -11.34 6.01
N ALA A 211 7.51 -10.13 6.13
CA ALA A 211 6.31 -9.93 6.93
C ALA A 211 5.41 -8.95 6.17
N ARG A 212 4.19 -8.74 6.67
CA ARG A 212 3.27 -7.84 5.95
C ARG A 212 2.40 -7.11 6.93
N ARG A 213 2.00 -5.88 6.54
CA ARG A 213 1.08 -5.09 7.34
C ARG A 213 -0.07 -4.74 6.40
N ILE A 214 -1.29 -5.10 6.78
CA ILE A 214 -2.44 -4.87 5.89
C ILE A 214 -3.30 -3.83 6.61
N VAL A 215 -3.65 -2.76 5.89
CA VAL A 215 -4.41 -1.66 6.49
C VAL A 215 -5.84 -1.69 5.87
N LEU A 216 -6.87 -1.64 6.72
CA LEU A 216 -8.26 -1.72 6.28
C LEU A 216 -8.77 -0.33 5.84
N GLY A 217 -9.73 -0.31 4.94
CA GLY A 217 -10.29 0.96 4.45
C GLY A 217 -11.48 1.44 5.31
N ASP A 218 -11.75 2.75 5.27
CA ASP A 218 -12.83 3.34 6.07
C ASP A 218 -14.06 3.50 5.16
N TRP A 219 -15.25 3.54 5.74
CA TRP A 219 -16.48 3.46 4.94
C TRP A 219 -17.16 4.81 4.63
N ASP A 220 -16.43 5.91 4.67
CA ASP A 220 -17.12 7.19 4.54
C ASP A 220 -17.66 7.42 3.14
N ARG A 221 -16.99 6.88 2.12
CA ARG A 221 -17.44 7.07 0.76
C ARG A 221 -17.88 5.78 0.11
N GLN A 222 -17.19 4.68 0.45
CA GLN A 222 -17.52 3.36 -0.08
C GLN A 222 -17.20 2.32 0.98
N GLY A 223 -17.78 1.14 0.88
CA GLY A 223 -17.52 0.08 1.84
C GLY A 223 -16.19 -0.61 1.51
N TRP A 224 -15.60 -1.24 2.52
CA TRP A 224 -14.38 -2.04 2.34
C TRP A 224 -14.47 -3.37 3.09
N ALA A 225 -13.90 -4.44 2.52
CA ALA A 225 -13.70 -5.66 3.32
C ALA A 225 -12.45 -6.37 2.89
N LEU A 226 -11.71 -6.92 3.84
CA LEU A 226 -10.57 -7.78 3.58
C LEU A 226 -11.10 -9.20 3.83
N GLU A 227 -10.93 -10.08 2.85
CA GLU A 227 -11.43 -11.45 3.01
C GLU A 227 -10.24 -12.37 2.86
N ILE A 228 -10.09 -13.32 3.77
CA ILE A 228 -8.95 -14.20 3.79
C ILE A 228 -9.44 -15.63 3.91
N ASP A 229 -8.92 -16.52 3.07
CA ASP A 229 -9.15 -17.93 3.26
C ASP A 229 -7.81 -18.64 3.24
N ALA A 230 -7.85 -19.95 3.19
CA ALA A 230 -6.62 -20.74 3.37
C ALA A 230 -5.69 -20.60 2.17
N ASN A 231 -6.19 -20.03 1.07
CA ASN A 231 -5.45 -19.99 -0.17
C ASN A 231 -5.01 -18.60 -0.58
N GLY A 232 -5.52 -17.58 0.10
CA GLY A 232 -5.08 -16.23 -0.20
C GLY A 232 -6.06 -15.22 0.37
N HIS A 233 -5.97 -14.00 -0.09
CA HIS A 233 -6.80 -12.95 0.46
C HIS A 233 -7.00 -11.81 -0.53
N ARG A 234 -7.96 -10.95 -0.24
CA ARG A 234 -8.22 -9.81 -1.13
C ARG A 234 -8.97 -8.73 -0.33
N GLN A 235 -8.49 -7.50 -0.42
CA GLN A 235 -9.28 -6.38 0.12
C GLN A 235 -9.76 -5.55 -1.06
N ALA A 236 -11.07 -5.25 -1.13
CA ALA A 236 -11.58 -4.44 -2.24
C ALA A 236 -12.73 -3.58 -1.76
N PRO A 237 -12.94 -2.46 -2.45
CA PRO A 237 -14.07 -1.61 -2.08
C PRO A 237 -15.31 -2.03 -2.81
N PHE A 238 -16.47 -1.62 -2.27
CA PHE A 238 -17.76 -1.81 -2.92
C PHE A 238 -18.65 -0.60 -2.61
N PRO A 239 -19.63 -0.30 -3.50
CA PRO A 239 -20.43 0.93 -3.33
C PRO A 239 -21.30 0.83 -2.09
N LEU A 240 -21.52 1.96 -1.41
CA LEU A 240 -22.48 1.99 -0.30
C LEU A 240 -23.91 1.76 -0.81
N LEU A 241 -24.25 2.29 -1.97
CA LEU A 241 -25.66 2.21 -2.40
C LEU A 241 -25.88 1.12 -3.45
N SER B 2 4.39 -15.97 -18.33
CA SER B 2 4.24 -14.95 -17.28
C SER B 2 5.03 -13.70 -17.68
N VAL B 3 4.74 -12.60 -17.01
CA VAL B 3 5.41 -11.32 -17.31
C VAL B 3 6.01 -10.77 -16.01
N LEU B 4 7.21 -10.19 -16.12
CA LEU B 4 7.94 -9.74 -14.95
C LEU B 4 8.10 -8.23 -15.02
N PHE B 5 8.02 -7.58 -13.86
CA PHE B 5 8.22 -6.12 -13.75
C PHE B 5 9.24 -5.80 -12.67
N ILE B 6 10.25 -4.97 -13.02
CA ILE B 6 11.25 -4.54 -12.06
C ILE B 6 11.56 -3.05 -12.29
N SER B 7 12.17 -2.40 -11.31
CA SER B 7 12.59 -1.00 -11.49
C SER B 7 13.58 -0.62 -10.37
N ASP B 8 14.23 0.53 -10.50
CA ASP B 8 14.99 1.09 -9.38
C ASP B 8 16.09 0.13 -8.98
N LEU B 9 16.75 -0.46 -9.99
CA LEU B 9 17.92 -1.30 -9.67
C LEU B 9 19.13 -0.40 -9.36
N ASN B 10 19.19 0.73 -10.05
CA ASN B 10 20.31 1.69 -9.91
C ASN B 10 21.66 0.98 -10.08
N LEU B 11 21.80 0.24 -11.16
CA LEU B 11 23.04 -0.49 -11.43
C LEU B 11 24.23 0.48 -11.52
N GLU B 12 25.38 0.04 -11.00
CA GLU B 12 26.59 0.83 -11.07
C GLU B 12 27.79 -0.08 -10.80
N ALA B 13 28.92 0.28 -11.38
CA ALA B 13 30.17 -0.48 -11.16
C ALA B 13 30.48 -0.73 -9.67
N GLU B 14 30.19 0.25 -8.82
CA GLU B 14 30.49 0.18 -7.40
C GLU B 14 29.59 -0.79 -6.62
N ARG B 15 28.52 -1.29 -7.25
CA ARG B 15 27.63 -2.27 -6.57
C ARG B 15 27.49 -3.57 -7.36
N PRO B 16 28.57 -4.33 -7.47
CA PRO B 16 28.45 -5.56 -8.26
C PRO B 16 27.57 -6.59 -7.53
N ASP B 17 27.28 -6.40 -6.26
CA ASP B 17 26.35 -7.34 -5.61
C ASP B 17 24.93 -7.23 -6.28
N ILE B 18 24.53 -5.99 -6.60
CA ILE B 18 23.22 -5.77 -7.28
C ILE B 18 23.30 -6.32 -8.68
N THR B 19 24.41 -6.06 -9.36
CA THR B 19 24.53 -6.56 -10.71
C THR B 19 24.46 -8.07 -10.77
N ARG B 20 25.18 -8.74 -9.86
CA ARG B 20 25.21 -10.19 -9.90
C ARG B 20 23.80 -10.75 -9.59
N ALA B 21 23.06 -10.11 -8.69
CA ALA B 21 21.71 -10.60 -8.37
C ALA B 21 20.82 -10.43 -9.62
N PHE B 22 21.03 -9.34 -10.34
CA PHE B 22 20.28 -9.07 -11.55
C PHE B 22 20.62 -10.10 -12.63
N LEU B 23 21.91 -10.39 -12.83
CA LEU B 23 22.23 -11.38 -13.86
C LEU B 23 21.66 -12.77 -13.54
N SER B 24 21.66 -13.14 -12.27
CA SER B 24 21.06 -14.41 -11.90
C SER B 24 19.55 -14.39 -12.14
N PHE B 25 18.93 -13.28 -11.78
CA PHE B 25 17.51 -13.10 -12.05
C PHE B 25 17.23 -13.27 -13.56
N LEU B 26 18.06 -12.67 -14.40
CA LEU B 26 17.87 -12.83 -15.84
C LEU B 26 17.95 -14.30 -16.20
N ASP B 27 18.95 -14.99 -15.65
CA ASP B 27 19.17 -16.39 -16.00
C ASP B 27 18.06 -17.32 -15.53
N GLU B 28 17.62 -17.11 -14.31
CA GLU B 28 16.75 -18.09 -13.68
C GLU B 28 15.30 -17.78 -13.98
N ARG B 29 14.98 -16.51 -14.13
CA ARG B 29 13.58 -16.10 -14.32
C ARG B 29 13.22 -15.42 -15.66
N ALA B 30 13.96 -14.40 -16.06
CA ALA B 30 13.56 -13.66 -17.21
C ALA B 30 13.61 -14.52 -18.46
N ARG B 31 14.60 -15.40 -18.56
CA ARG B 31 14.73 -16.29 -19.73
C ARG B 31 13.46 -17.07 -19.98
N ARG B 32 12.78 -17.45 -18.90
CA ARG B 32 11.58 -18.31 -19.00
C ARG B 32 10.31 -17.49 -19.14
N ALA B 33 10.41 -16.17 -18.97
CA ALA B 33 9.22 -15.32 -18.99
C ALA B 33 8.86 -14.93 -20.43
N GLU B 34 7.60 -14.59 -20.67
CA GLU B 34 7.20 -14.06 -21.98
C GLU B 34 7.77 -12.66 -22.18
N ALA B 35 7.84 -11.88 -21.13
CA ALA B 35 8.30 -10.48 -21.25
C ALA B 35 8.82 -9.96 -19.93
N LEU B 36 9.73 -8.97 -20.01
CA LEU B 36 10.31 -8.28 -18.87
C LEU B 36 10.20 -6.77 -19.08
N TYR B 37 9.55 -6.08 -18.13
CA TYR B 37 9.41 -4.63 -18.17
C TYR B 37 10.29 -4.01 -17.09
N ILE B 38 11.10 -3.02 -17.45
CA ILE B 38 12.02 -2.41 -16.49
C ILE B 38 11.54 -0.96 -16.40
N LEU B 39 10.93 -0.58 -15.29
CA LEU B 39 10.24 0.69 -15.24
C LEU B 39 11.09 1.82 -14.67
N GLY B 40 12.28 2.04 -15.25
CA GLY B 40 13.02 3.26 -14.91
C GLY B 40 14.03 3.09 -13.78
N ASP B 41 15.03 3.98 -13.77
CA ASP B 41 16.18 3.82 -12.80
C ASP B 41 16.79 2.42 -12.83
N PHE B 42 16.99 1.96 -14.05
CA PHE B 42 17.71 0.70 -14.31
C PHE B 42 19.20 0.93 -13.98
N PHE B 43 19.76 2.04 -14.50
CA PHE B 43 21.12 2.47 -14.11
C PHE B 43 21.05 3.66 -13.17
N GLU B 44 22.08 3.78 -12.33
CA GLU B 44 22.16 4.85 -11.35
C GLU B 44 22.40 6.22 -12.01
N ALA B 45 22.98 6.20 -13.20
CA ALA B 45 23.26 7.43 -13.95
C ALA B 45 23.46 7.04 -15.40
N TRP B 46 23.32 8.01 -16.30
CA TRP B 46 23.51 7.75 -17.73
C TRP B 46 23.82 9.06 -18.40
N ILE B 47 25.01 9.17 -18.96
CA ILE B 47 25.39 10.41 -19.61
C ILE B 47 25.01 10.42 -21.11
N GLY B 48 24.57 9.27 -21.63
CA GLY B 48 24.27 9.18 -23.07
C GLY B 48 24.84 7.88 -23.64
N ASP B 49 24.24 7.34 -24.69
CA ASP B 49 24.69 6.05 -25.22
C ASP B 49 26.11 6.15 -25.81
N ASP B 50 26.54 7.35 -26.23
CA ASP B 50 27.90 7.52 -26.74
C ASP B 50 28.97 7.38 -25.64
N GLY B 51 28.56 7.46 -24.40
CA GLY B 51 29.54 7.37 -23.33
C GLY B 51 29.63 6.00 -22.66
N MET B 52 29.07 4.96 -23.28
CA MET B 52 28.94 3.68 -22.54
C MET B 52 30.36 3.14 -22.28
N ASP B 53 30.53 2.63 -21.08
CA ASP B 53 31.80 2.00 -20.68
C ASP B 53 31.65 0.48 -20.61
N ALA B 54 32.66 -0.22 -20.08
CA ALA B 54 32.65 -1.66 -20.19
C ALA B 54 31.57 -2.23 -19.31
N PHE B 55 31.27 -1.54 -18.22
CA PHE B 55 30.23 -2.05 -17.34
C PHE B 55 28.85 -1.99 -18.04
N GLN B 56 28.54 -0.82 -18.59
CA GLN B 56 27.23 -0.61 -19.24
C GLN B 56 27.06 -1.53 -20.46
N ARG B 57 28.13 -1.70 -21.21
CA ARG B 57 28.10 -2.62 -22.32
C ARG B 57 27.85 -4.05 -21.86
N SER B 58 28.40 -4.48 -20.73
CA SER B 58 28.20 -5.88 -20.35
C SER B 58 26.73 -6.10 -19.98
N ILE B 59 26.11 -5.09 -19.39
CA ILE B 59 24.67 -5.18 -19.09
C ILE B 59 23.84 -5.31 -20.38
N ALA B 60 24.18 -4.54 -21.40
CA ALA B 60 23.45 -4.64 -22.67
C ALA B 60 23.60 -6.05 -23.23
N GLN B 61 24.81 -6.61 -23.13
CA GLN B 61 25.06 -7.96 -23.69
C GLN B 61 24.27 -9.05 -22.93
N SER B 62 24.19 -8.89 -21.60
CA SER B 62 23.36 -9.80 -20.79
C SER B 62 21.87 -9.72 -21.13
N LEU B 63 21.36 -8.51 -21.34
CA LEU B 63 19.99 -8.35 -21.78
C LEU B 63 19.82 -9.02 -23.15
N ARG B 64 20.82 -8.82 -24.02
CA ARG B 64 20.68 -9.29 -25.38
C ARG B 64 20.57 -10.81 -25.42
N GLN B 65 21.27 -11.52 -24.53
CA GLN B 65 21.18 -12.99 -24.53
C GLN B 65 19.76 -13.43 -24.17
N VAL B 66 19.12 -12.69 -23.29
CA VAL B 66 17.75 -12.98 -22.89
C VAL B 66 16.78 -12.64 -24.02
N ALA B 67 16.96 -11.49 -24.64
CA ALA B 67 16.11 -11.11 -25.77
C ALA B 67 16.25 -12.09 -26.96
N ASP B 68 17.45 -12.57 -27.21
CA ASP B 68 17.66 -13.50 -28.33
C ASP B 68 16.96 -14.84 -28.06
N GLY B 69 16.74 -15.15 -26.80
CA GLY B 69 16.08 -16.40 -26.42
C GLY B 69 14.57 -16.31 -26.59
N GLY B 70 14.05 -15.12 -26.89
CA GLY B 70 12.67 -14.97 -27.29
C GLY B 70 11.83 -14.19 -26.28
N THR B 71 12.41 -13.84 -25.14
CA THR B 71 11.74 -12.99 -24.16
C THR B 71 11.69 -11.54 -24.65
N ARG B 72 10.51 -10.90 -24.62
CA ARG B 72 10.48 -9.49 -25.00
C ARG B 72 10.89 -8.63 -23.84
N ILE B 73 11.81 -7.70 -24.06
CA ILE B 73 12.24 -6.83 -22.99
C ILE B 73 11.85 -5.37 -23.31
N TYR B 74 11.30 -4.67 -22.33
CA TYR B 74 10.87 -3.27 -22.53
C TYR B 74 11.55 -2.44 -21.47
N LEU B 75 12.10 -1.30 -21.87
CA LEU B 75 12.86 -0.46 -20.94
C LEU B 75 12.22 0.95 -20.89
N MET B 76 11.84 1.44 -19.71
CA MET B 76 11.28 2.79 -19.59
C MET B 76 12.29 3.68 -18.85
N HIS B 77 12.29 4.97 -19.13
CA HIS B 77 13.17 5.89 -18.43
C HIS B 77 12.75 6.13 -16.97
N GLY B 78 13.72 6.40 -16.09
CA GLY B 78 13.44 6.96 -14.78
C GLY B 78 14.15 8.31 -14.63
N ASN B 79 14.12 8.88 -13.44
CA ASN B 79 14.72 10.18 -13.22
C ASN B 79 16.24 10.12 -13.34
N ARG B 80 16.85 8.96 -13.12
CA ARG B 80 18.33 8.88 -13.14
C ARG B 80 18.87 8.60 -14.56
N ASP B 81 18.13 7.83 -15.34
CA ASP B 81 18.67 7.28 -16.56
C ASP B 81 17.84 7.65 -17.78
N PHE B 82 17.24 8.83 -17.75
CA PHE B 82 16.37 9.25 -18.84
C PHE B 82 17.11 9.47 -20.14
N LEU B 83 18.45 9.47 -20.14
CA LEU B 83 19.20 9.68 -21.40
C LEU B 83 19.47 8.38 -22.17
N ILE B 84 19.05 7.25 -21.61
CA ILE B 84 19.21 5.98 -22.32
C ILE B 84 18.47 6.07 -23.64
N GLY B 85 19.16 5.70 -24.72
CA GLY B 85 18.61 5.94 -26.04
C GLY B 85 18.40 4.69 -26.88
N LYS B 86 18.12 4.90 -28.16
CA LYS B 86 17.78 3.79 -28.99
C LYS B 86 19.02 2.95 -29.34
N ALA B 87 20.22 3.56 -29.32
CA ALA B 87 21.44 2.80 -29.63
C ALA B 87 21.62 1.74 -28.53
N PHE B 88 21.44 2.15 -27.30
CA PHE B 88 21.51 1.17 -26.21
C PHE B 88 20.48 0.07 -26.37
N CYS B 89 19.24 0.42 -26.66
CA CYS B 89 18.20 -0.60 -26.79
C CYS B 89 18.48 -1.55 -27.97
N ARG B 90 19.06 -1.03 -29.06
CA ARG B 90 19.42 -1.91 -30.16
C ARG B 90 20.49 -2.91 -29.69
N GLU B 91 21.47 -2.45 -28.93
CA GLU B 91 22.54 -3.35 -28.50
C GLU B 91 21.92 -4.42 -27.59
N ALA B 92 21.00 -3.98 -26.76
CA ALA B 92 20.44 -4.82 -25.68
C ALA B 92 19.32 -5.72 -26.18
N GLY B 93 18.83 -5.47 -27.40
CA GLY B 93 17.68 -6.18 -27.91
C GLY B 93 16.35 -5.84 -27.23
N CYS B 94 16.25 -4.65 -26.64
CA CYS B 94 15.03 -4.29 -25.92
C CYS B 94 14.34 -3.13 -26.62
N THR B 95 13.10 -2.88 -26.25
CA THR B 95 12.29 -1.84 -26.88
C THR B 95 12.15 -0.70 -25.88
N LEU B 96 12.41 0.53 -26.31
CA LEU B 96 12.27 1.64 -25.40
C LEU B 96 10.78 2.01 -25.30
N LEU B 97 10.27 2.16 -24.07
CA LEU B 97 8.83 2.33 -23.84
C LEU B 97 8.60 3.70 -23.22
N PRO B 98 7.71 4.51 -23.80
CA PRO B 98 7.52 5.87 -23.29
C PRO B 98 6.80 5.80 -21.93
N ASP B 99 7.04 6.79 -21.09
CA ASP B 99 6.30 6.94 -19.81
C ASP B 99 5.32 8.10 -20.03
N PRO B 100 4.01 7.83 -20.07
CA PRO B 100 3.38 6.57 -19.67
C PRO B 100 3.17 5.65 -20.86
N SER B 101 2.97 4.36 -20.58
CA SER B 101 2.51 3.41 -21.59
C SER B 101 1.38 2.58 -21.04
N VAL B 102 0.39 2.29 -21.87
CA VAL B 102 -0.63 1.33 -21.49
C VAL B 102 -0.35 0.06 -22.25
N ILE B 103 -0.35 -1.07 -21.54
CA ILE B 103 -0.18 -2.35 -22.21
C ILE B 103 -1.39 -3.25 -22.06
N ASP B 104 -1.49 -4.26 -22.90
CA ASP B 104 -2.54 -5.24 -22.70
C ASP B 104 -1.94 -6.43 -22.00
N LEU B 105 -2.41 -6.71 -20.79
CA LEU B 105 -1.79 -7.75 -19.98
C LEU B 105 -2.88 -8.75 -19.70
N TYR B 106 -2.78 -9.89 -20.35
CA TYR B 106 -3.81 -10.95 -20.24
C TYR B 106 -5.20 -10.37 -20.44
N GLY B 107 -5.35 -9.50 -21.42
CA GLY B 107 -6.69 -9.04 -21.80
C GLY B 107 -7.19 -7.83 -21.04
N GLU B 108 -6.35 -7.30 -20.12
CA GLU B 108 -6.74 -6.09 -19.40
C GLU B 108 -5.73 -4.98 -19.67
N PRO B 109 -6.22 -3.76 -19.77
CA PRO B 109 -5.29 -2.63 -19.96
C PRO B 109 -4.63 -2.26 -18.65
N VAL B 110 -3.30 -2.14 -18.69
CA VAL B 110 -2.51 -1.84 -17.49
C VAL B 110 -1.60 -0.66 -17.77
N LEU B 111 -1.61 0.31 -16.85
CA LEU B 111 -0.83 1.53 -17.02
C LEU B 111 0.52 1.38 -16.38
N LEU B 112 1.57 1.71 -17.12
CA LEU B 112 2.94 1.59 -16.60
C LEU B 112 3.64 2.97 -16.59
N MET B 113 4.26 3.33 -15.47
CA MET B 113 4.94 4.62 -15.36
C MET B 113 6.18 4.41 -14.49
N HIS B 114 7.20 5.27 -14.64
CA HIS B 114 8.30 5.18 -13.67
C HIS B 114 7.78 5.54 -12.25
N GLY B 115 6.99 6.61 -12.17
CA GLY B 115 6.33 7.00 -10.97
C GLY B 115 6.62 8.42 -10.53
N ASP B 116 7.72 9.01 -10.99
CA ASP B 116 8.05 10.33 -10.53
C ASP B 116 7.03 11.35 -11.02
N SER B 117 6.39 11.11 -12.16
CA SER B 117 5.42 12.11 -12.64
C SER B 117 4.21 12.23 -11.70
N LEU B 118 4.01 11.26 -10.83
CA LEU B 118 2.91 11.31 -9.83
C LEU B 118 3.31 12.14 -8.59
N CYS B 119 4.61 12.43 -8.43
CA CYS B 119 5.08 13.04 -7.19
C CYS B 119 5.10 14.56 -7.36
N THR B 120 3.90 15.09 -7.56
CA THR B 120 3.75 16.48 -7.98
C THR B 120 3.99 17.49 -6.89
N ARG B 121 4.10 17.06 -5.63
CA ARG B 121 4.41 18.03 -4.57
C ARG B 121 5.85 18.55 -4.68
N ASP B 122 6.72 17.87 -5.41
CA ASP B 122 8.05 18.41 -5.60
C ASP B 122 8.02 19.34 -6.80
N GLU B 123 7.60 20.58 -6.57
CA GLU B 123 7.37 21.49 -7.68
C GLU B 123 8.68 21.79 -8.39
N ALA B 124 9.77 21.87 -7.63
CA ALA B 124 11.07 22.17 -8.24
C ALA B 124 11.44 21.06 -9.23
N TYR B 125 11.31 19.82 -8.80
CA TYR B 125 11.64 18.71 -9.68
C TYR B 125 10.71 18.62 -10.90
N MET B 126 9.42 18.89 -10.69
CA MET B 126 8.46 18.89 -11.81
C MET B 126 8.97 19.86 -12.90
N ARG B 127 9.42 21.06 -12.50
CA ARG B 127 9.92 22.03 -13.48
C ARG B 127 11.20 21.53 -14.16
N LEU B 128 12.10 20.94 -13.39
CA LEU B 128 13.32 20.36 -13.98
C LEU B 128 12.99 19.26 -14.97
N ARG B 129 12.11 18.37 -14.54
CA ARG B 129 11.78 17.21 -15.33
C ARG B 129 11.24 17.66 -16.70
N ARG B 130 10.42 18.71 -16.67
CA ARG B 130 9.82 19.25 -17.87
C ARG B 130 10.93 19.68 -18.85
N TRP B 131 11.95 20.37 -18.34
CA TRP B 131 13.03 20.84 -19.18
C TRP B 131 13.80 19.65 -19.74
N LEU B 132 14.10 18.67 -18.88
CA LEU B 132 14.95 17.55 -19.27
C LEU B 132 14.31 16.77 -20.39
N ARG B 133 12.99 16.68 -20.38
CA ARG B 133 12.25 15.88 -21.34
C ARG B 133 11.90 16.66 -22.62
N ASN B 134 12.24 17.95 -22.69
CA ASN B 134 11.94 18.71 -23.90
C ASN B 134 12.82 18.26 -25.08
N PRO B 135 12.21 17.94 -26.23
CA PRO B 135 13.03 17.52 -27.37
C PRO B 135 14.13 18.53 -27.70
N LEU B 136 13.88 19.81 -27.48
CA LEU B 136 14.93 20.80 -27.72
C LEU B 136 16.13 20.62 -26.78
N THR B 137 15.86 20.37 -25.50
CA THR B 137 16.92 20.07 -24.55
C THR B 137 17.73 18.85 -24.95
N LEU B 138 17.03 17.81 -25.39
CA LEU B 138 17.71 16.58 -25.77
C LEU B 138 18.58 16.82 -27.02
N TRP B 139 18.11 17.70 -27.89
CA TRP B 139 18.87 18.06 -29.08
C TRP B 139 20.15 18.80 -28.66
N VAL B 140 20.04 19.77 -27.75
CA VAL B 140 21.26 20.47 -27.38
C VAL B 140 22.22 19.53 -26.66
N LEU B 141 21.70 18.67 -25.79
CA LEU B 141 22.58 17.76 -25.03
C LEU B 141 23.38 16.82 -25.94
N ARG B 142 22.78 16.30 -27.00
CA ARG B 142 23.52 15.38 -27.86
C ARG B 142 24.60 16.15 -28.61
N HIS B 143 24.47 17.47 -28.61
CA HIS B 143 25.47 18.32 -29.25
C HIS B 143 26.56 18.81 -28.31
N LEU B 144 26.45 18.51 -27.01
CA LEU B 144 27.55 18.80 -26.09
C LEU B 144 28.55 17.65 -25.99
N PRO B 145 29.85 17.98 -25.93
CA PRO B 145 30.91 17.02 -25.64
C PRO B 145 30.57 16.24 -24.36
N LEU B 146 31.01 14.99 -24.26
CA LEU B 146 30.79 14.25 -23.03
C LEU B 146 31.20 15.08 -21.81
N ALA B 147 32.38 15.69 -21.86
CA ALA B 147 32.93 16.36 -20.68
C ALA B 147 31.98 17.46 -20.17
N THR B 148 31.41 18.23 -21.09
CA THR B 148 30.45 19.26 -20.73
C THR B 148 29.12 18.68 -20.17
N ARG B 149 28.74 17.49 -20.64
CA ARG B 149 27.55 16.84 -20.10
C ARG B 149 27.78 16.41 -18.64
N HIS B 150 28.98 15.95 -18.30
CA HIS B 150 29.31 15.63 -16.90
C HIS B 150 29.26 16.87 -16.04
N LYS B 151 29.76 17.98 -16.57
CA LYS B 151 29.69 19.25 -15.89
C LYS B 151 28.22 19.62 -15.59
N LEU B 152 27.34 19.46 -16.57
CA LEU B 152 25.93 19.78 -16.32
C LEU B 152 25.37 18.86 -15.25
N ALA B 153 25.79 17.61 -15.28
CA ALA B 153 25.25 16.62 -14.34
C ALA B 153 25.67 16.96 -12.92
N ARG B 154 26.93 17.35 -12.77
CA ARG B 154 27.44 17.74 -11.47
C ARG B 154 26.63 18.93 -10.97
N LYS B 155 26.37 19.88 -11.87
CA LYS B 155 25.63 21.08 -11.53
C LYS B 155 24.23 20.73 -11.03
N LEU B 156 23.53 19.86 -11.76
CA LEU B 156 22.18 19.51 -11.39
C LEU B 156 22.18 18.76 -10.06
N ARG B 157 23.15 17.86 -9.89
CA ARG B 157 23.23 17.08 -8.64
C ARG B 157 23.32 18.01 -7.42
N LYS B 158 23.97 19.15 -7.60
CA LYS B 158 23.98 20.16 -6.55
C LYS B 158 22.57 20.74 -6.41
N MET B 166 19.21 9.09 -1.23
CA MET B 166 18.57 9.31 0.06
C MET B 166 17.56 8.21 0.42
N LYS B 167 17.22 8.13 1.70
CA LYS B 167 16.36 7.08 2.23
C LYS B 167 14.95 7.13 1.66
N ALA B 168 14.27 5.97 1.64
CA ALA B 168 12.91 5.88 1.10
C ALA B 168 12.04 6.99 1.64
N VAL B 169 12.10 7.23 2.95
CA VAL B 169 11.25 8.24 3.60
C VAL B 169 11.49 9.68 3.14
N ASP B 170 12.68 9.97 2.62
CA ASP B 170 13.00 11.29 2.11
C ASP B 170 12.64 11.46 0.61
N ILE B 171 12.31 10.38 -0.08
CA ILE B 171 11.89 10.50 -1.48
C ILE B 171 10.42 10.93 -1.47
N ILE B 172 10.10 12.00 -2.17
CA ILE B 172 8.74 12.54 -2.11
C ILE B 172 7.80 11.53 -2.77
N ASP B 173 6.76 11.14 -2.03
CA ASP B 173 5.89 10.05 -2.45
C ASP B 173 4.81 10.62 -3.42
N VAL B 174 3.97 9.75 -3.96
CA VAL B 174 2.96 10.19 -4.95
C VAL B 174 1.95 11.12 -4.32
N THR B 175 1.37 11.98 -5.16
CA THR B 175 0.26 12.82 -4.71
C THR B 175 -0.98 11.92 -4.82
N PRO B 176 -1.61 11.59 -3.68
CA PRO B 176 -2.68 10.58 -3.76
C PRO B 176 -3.73 10.86 -4.84
N GLU B 177 -4.21 12.09 -4.93
CA GLU B 177 -5.25 12.44 -5.89
C GLU B 177 -4.87 12.23 -7.36
N GLU B 178 -3.57 12.23 -7.66
CA GLU B 178 -3.11 12.07 -9.04
C GLU B 178 -3.34 10.64 -9.51
N VAL B 179 -3.34 9.70 -8.57
CA VAL B 179 -3.43 8.28 -8.96
C VAL B 179 -4.78 7.98 -9.68
N PRO B 180 -5.93 8.27 -9.04
CA PRO B 180 -7.17 7.94 -9.77
C PRO B 180 -7.31 8.84 -10.99
N ARG B 181 -6.77 10.05 -10.93
CA ARG B 181 -6.87 10.95 -12.08
C ARG B 181 -6.21 10.36 -13.34
N VAL B 182 -4.98 9.85 -13.20
CA VAL B 182 -4.25 9.32 -14.34
C VAL B 182 -4.78 7.95 -14.74
N MET B 183 -5.19 7.14 -13.75
CA MET B 183 -5.80 5.84 -14.08
C MET B 183 -7.09 5.97 -14.86
N ARG B 184 -7.97 6.88 -14.42
CA ARG B 184 -9.23 7.12 -15.17
C ARG B 184 -8.91 7.61 -16.59
N GLY B 185 -7.97 8.53 -16.69
CA GLY B 185 -7.66 9.15 -17.98
C GLY B 185 -7.14 8.15 -18.99
N HIS B 186 -6.44 7.10 -18.52
CA HIS B 186 -5.90 6.08 -19.42
C HIS B 186 -6.81 4.89 -19.51
N GLY B 187 -7.97 4.91 -18.84
CA GLY B 187 -8.94 3.81 -18.91
C GLY B 187 -8.45 2.47 -18.34
N VAL B 188 -7.70 2.51 -17.24
CA VAL B 188 -7.18 1.28 -16.65
C VAL B 188 -7.66 1.10 -15.21
N ARG B 189 -7.60 -0.14 -14.71
CA ARG B 189 -7.84 -0.40 -13.27
C ARG B 189 -6.62 -0.99 -12.57
N THR B 190 -5.47 -1.03 -13.27
CA THR B 190 -4.21 -1.44 -12.63
C THR B 190 -3.14 -0.45 -13.13
N LEU B 191 -2.38 0.07 -12.19
CA LEU B 191 -1.23 0.95 -12.41
C LEU B 191 -0.03 0.30 -11.73
N ILE B 192 1.09 0.15 -12.46
CA ILE B 192 2.34 -0.37 -11.85
C ILE B 192 3.42 0.72 -12.03
N HIS B 193 4.08 1.10 -10.95
CA HIS B 193 5.17 2.07 -11.07
C HIS B 193 6.26 1.80 -10.03
N GLY B 194 7.38 2.51 -10.16
CA GLY B 194 8.46 2.40 -9.14
C GLY B 194 8.76 3.79 -8.61
N HIS B 195 10.05 4.13 -8.56
CA HIS B 195 10.50 5.47 -8.15
C HIS B 195 10.45 5.76 -6.64
N THR B 196 9.32 5.48 -5.99
CA THR B 196 9.17 5.95 -4.61
C THR B 196 9.88 5.07 -3.57
N HIS B 197 10.35 3.89 -3.97
CA HIS B 197 11.10 2.99 -3.05
C HIS B 197 10.18 2.48 -1.92
N ARG B 198 8.89 2.37 -2.21
CA ARG B 198 7.91 1.94 -1.16
C ARG B 198 7.05 0.82 -1.72
N PRO B 199 7.64 -0.37 -1.89
CA PRO B 199 6.93 -1.49 -2.51
C PRO B 199 5.70 -1.78 -1.67
N ALA B 200 4.57 -1.94 -2.36
CA ALA B 200 3.28 -2.08 -1.67
C ALA B 200 2.22 -2.34 -2.71
N GLU B 201 1.03 -2.68 -2.25
CA GLU B 201 -0.10 -2.71 -3.18
C GLU B 201 -1.23 -1.88 -2.54
N HIS B 202 -1.84 -1.00 -3.35
CA HIS B 202 -2.76 -0.01 -2.81
C HIS B 202 -4.06 -0.23 -3.52
N PRO B 203 -5.08 -0.75 -2.82
CA PRO B 203 -6.38 -0.80 -3.54
C PRO B 203 -7.07 0.58 -3.57
N LEU B 204 -7.90 0.83 -4.57
CA LEU B 204 -8.66 2.09 -4.61
C LEU B 204 -9.87 1.88 -5.49
N ASP B 205 -10.69 2.90 -5.62
CA ASP B 205 -11.80 2.83 -6.57
C ASP B 205 -11.63 3.85 -7.68
N ILE B 206 -12.15 3.53 -8.85
CA ILE B 206 -12.23 4.55 -9.88
C ILE B 206 -13.67 4.58 -10.29
N ASP B 207 -14.31 5.69 -9.97
CA ASP B 207 -15.74 5.84 -10.17
C ASP B 207 -16.49 4.61 -9.64
N GLY B 208 -16.09 4.15 -8.45
CA GLY B 208 -16.73 3.01 -7.81
C GLY B 208 -16.46 1.62 -8.40
N GLN B 209 -15.44 1.50 -9.25
CA GLN B 209 -15.00 0.18 -9.67
C GLN B 209 -13.65 -0.10 -8.97
N PRO B 210 -13.45 -1.34 -8.44
CA PRO B 210 -12.18 -1.67 -7.75
C PRO B 210 -10.97 -1.53 -8.66
N ALA B 211 -9.89 -0.93 -8.16
CA ALA B 211 -8.68 -0.77 -8.97
C ALA B 211 -7.50 -0.98 -8.03
N ARG B 212 -6.30 -1.02 -8.57
CA ARG B 212 -5.12 -1.19 -7.68
C ARG B 212 -3.90 -0.55 -8.28
N ARG B 213 -3.01 -0.13 -7.37
CA ARG B 213 -1.74 0.47 -7.76
C ARG B 213 -0.65 -0.39 -7.09
N ILE B 214 0.29 -0.90 -7.88
CA ILE B 214 1.32 -1.81 -7.34
C ILE B 214 2.62 -1.05 -7.51
N VAL B 215 3.36 -0.91 -6.41
CA VAL B 215 4.61 -0.16 -6.42
C VAL B 215 5.76 -1.18 -6.32
N LEU B 216 6.74 -1.05 -7.21
CA LEU B 216 7.90 -1.98 -7.25
C LEU B 216 8.95 -1.57 -6.26
N GLY B 217 9.73 -2.54 -5.77
CA GLY B 217 10.76 -2.29 -4.76
C GLY B 217 12.09 -1.94 -5.44
N ASP B 218 12.93 -1.16 -4.78
CA ASP B 218 14.25 -0.80 -5.30
C ASP B 218 15.23 -1.87 -4.79
N TRP B 219 16.38 -2.00 -5.47
CA TRP B 219 17.29 -3.12 -5.16
C TRP B 219 18.49 -2.83 -4.24
N ASP B 220 18.43 -1.78 -3.44
CA ASP B 220 19.61 -1.41 -2.64
C ASP B 220 20.02 -2.43 -1.58
N ARG B 221 19.06 -3.13 -0.99
CA ARG B 221 19.32 -4.10 0.04
C ARG B 221 18.92 -5.54 -0.34
N GLN B 222 17.88 -5.66 -1.18
CA GLN B 222 17.38 -6.94 -1.70
C GLN B 222 16.89 -6.75 -3.13
N GLY B 223 16.81 -7.82 -3.89
CA GLY B 223 16.16 -7.74 -5.22
C GLY B 223 14.65 -7.79 -5.07
N TRP B 224 13.92 -7.28 -6.05
CA TRP B 224 12.44 -7.32 -6.08
C TRP B 224 11.99 -7.70 -7.46
N ALA B 225 10.90 -8.46 -7.55
CA ALA B 225 10.26 -8.60 -8.85
C ALA B 225 8.77 -8.84 -8.66
N LEU B 226 7.99 -8.24 -9.54
CA LEU B 226 6.58 -8.52 -9.66
C LEU B 226 6.37 -9.48 -10.83
N GLU B 227 5.67 -10.59 -10.60
CA GLU B 227 5.37 -11.51 -11.69
C GLU B 227 3.83 -11.62 -11.85
N ILE B 228 3.34 -11.55 -13.08
CA ILE B 228 1.90 -11.67 -13.34
C ILE B 228 1.68 -12.75 -14.39
N ASP B 229 0.70 -13.62 -14.19
CA ASP B 229 0.34 -14.53 -15.26
C ASP B 229 -1.17 -14.49 -15.40
N ALA B 230 -1.70 -15.39 -16.22
CA ALA B 230 -3.14 -15.37 -16.50
C ALA B 230 -3.96 -15.57 -15.21
N ASN B 231 -3.36 -16.14 -14.18
CA ASN B 231 -4.13 -16.50 -12.99
C ASN B 231 -3.95 -15.61 -11.77
N GLY B 232 -3.04 -14.63 -11.81
CA GLY B 232 -2.79 -13.88 -10.58
C GLY B 232 -1.44 -13.22 -10.62
N HIS B 233 -0.99 -12.70 -9.50
CA HIS B 233 0.25 -11.92 -9.50
C HIS B 233 0.95 -12.08 -8.17
N ARG B 234 2.24 -11.74 -8.12
CA ARG B 234 2.94 -11.81 -6.85
C ARG B 234 4.19 -10.97 -6.95
N GLN B 235 4.34 -10.03 -6.06
CA GLN B 235 5.63 -9.33 -5.93
C GLN B 235 6.31 -9.81 -4.64
N ALA B 236 7.60 -10.15 -4.73
CA ALA B 236 8.32 -10.62 -3.54
C ALA B 236 9.79 -10.26 -3.68
N PRO B 237 10.44 -10.02 -2.53
CA PRO B 237 11.88 -9.73 -2.59
C PRO B 237 12.68 -11.03 -2.58
N PHE B 238 13.97 -10.93 -2.85
CA PHE B 238 14.86 -12.07 -2.80
C PHE B 238 16.26 -11.56 -2.49
N PRO B 239 17.10 -12.40 -1.91
CA PRO B 239 18.39 -11.87 -1.44
C PRO B 239 19.30 -11.49 -2.56
N LEU B 240 20.11 -10.46 -2.34
CA LEU B 240 21.13 -10.10 -3.33
C LEU B 240 22.15 -11.24 -3.41
N LEU B 241 22.53 -11.81 -2.26
CA LEU B 241 23.55 -12.86 -2.27
C LEU B 241 22.91 -14.24 -2.28
#